data_2O22
#
_entry.id   2O22
#
loop_
_entity.id
_entity.type
_entity.pdbx_description
1 polymer 'Apoptosis regulator Bcl-2'
2 non-polymer N-[(4-{[1,1-dimethyl-2-(phenylthio)ethyl]amino}-3-nitrophenyl)sulfonyl]-4-(4,4-dimethylpiperidin-1-yl)benzamide
#
_entity_poly.entity_id   1
_entity_poly.type   'polypeptide(L)'
_entity_poly.pdbx_seq_one_letter_code
;HAGRTGYDNREIVMKYIHYKLSQRGYEWDAGDDVEENRTEAPEGTESEVVHLTLRQAGDDFSRRYRRDFAEMSSQLHLTP
FTARGRFATVVEELFRDGVNWGRIVAFFEFGGVMCVESVNREMSPLVDNIALWMTEYLNRHLHTWIQDNGGWDAFVELYG
PSMR
;
_entity_poly.pdbx_strand_id   A
#
# COMPACT_ATOMS: atom_id res chain seq x y z
N HIS A 1 18.68 -8.29 -15.78
CA HIS A 1 17.33 -8.44 -16.39
C HIS A 1 16.23 -8.26 -15.35
N ALA A 2 15.31 -7.34 -15.61
CA ALA A 2 14.21 -7.08 -14.69
C ALA A 2 13.34 -5.94 -15.20
N GLY A 3 12.56 -6.23 -16.24
CA GLY A 3 11.67 -5.22 -16.80
C GLY A 3 12.38 -3.91 -17.06
N ARG A 4 11.61 -2.87 -17.34
CA ARG A 4 12.18 -1.55 -17.61
C ARG A 4 11.27 -0.45 -17.08
N THR A 5 10.55 -0.75 -15.99
CA THR A 5 9.65 0.21 -15.38
C THR A 5 10.27 0.84 -14.15
N GLY A 6 10.78 0.01 -13.25
CA GLY A 6 11.40 0.50 -12.04
C GLY A 6 10.47 0.42 -10.85
N TYR A 7 9.64 -0.62 -10.81
CA TYR A 7 8.69 -0.81 -9.72
C TYR A 7 9.39 -0.70 -8.37
N ASP A 8 8.71 -0.08 -7.41
CA ASP A 8 9.25 0.09 -6.07
C ASP A 8 8.15 0.03 -5.02
N ASN A 9 8.21 -0.98 -4.16
CA ASN A 9 7.21 -1.15 -3.11
C ASN A 9 6.99 0.17 -2.37
N ARG A 10 8.07 0.93 -2.21
CA ARG A 10 8.02 2.22 -1.53
C ARG A 10 7.16 3.22 -2.29
N GLU A 11 7.31 3.26 -3.60
CA GLU A 11 6.55 4.18 -4.44
C GLU A 11 5.11 3.73 -4.59
N ILE A 12 4.90 2.42 -4.63
CA ILE A 12 3.56 1.86 -4.78
C ILE A 12 2.69 2.19 -3.57
N VAL A 13 3.26 2.05 -2.37
CA VAL A 13 2.52 2.35 -1.15
C VAL A 13 2.36 3.85 -0.98
N MET A 14 3.38 4.60 -1.42
CA MET A 14 3.36 6.06 -1.32
C MET A 14 2.19 6.62 -2.12
N LYS A 15 2.03 6.15 -3.35
CA LYS A 15 0.96 6.62 -4.22
C LYS A 15 -0.40 6.18 -3.68
N TYR A 16 -0.49 4.91 -3.28
CA TYR A 16 -1.74 4.37 -2.75
C TYR A 16 -2.17 5.14 -1.51
N ILE A 17 -1.30 5.20 -0.51
CA ILE A 17 -1.59 5.90 0.73
C ILE A 17 -1.90 7.37 0.48
N HIS A 18 -1.19 7.96 -0.48
CA HIS A 18 -1.39 9.36 -0.82
C HIS A 18 -2.85 9.64 -1.14
N TYR A 19 -3.40 8.90 -2.10
CA TYR A 19 -4.79 9.06 -2.50
C TYR A 19 -5.73 8.89 -1.31
N LYS A 20 -5.37 7.96 -0.42
CA LYS A 20 -6.18 7.70 0.76
C LYS A 20 -6.28 8.94 1.63
N LEU A 21 -5.17 9.67 1.75
CA LEU A 21 -5.13 10.88 2.56
C LEU A 21 -5.78 12.04 1.82
N SER A 22 -5.47 12.17 0.53
CA SER A 22 -6.03 13.25 -0.29
C SER A 22 -7.55 13.26 -0.20
N GLN A 23 -8.14 12.09 -0.01
CA GLN A 23 -9.59 11.97 0.10
C GLN A 23 -10.14 12.95 1.14
N ARG A 24 -9.36 13.17 2.20
CA ARG A 24 -9.75 14.08 3.26
C ARG A 24 -9.21 15.49 3.02
N GLY A 25 -8.11 15.58 2.26
CA GLY A 25 -7.51 16.87 1.99
C GLY A 25 -6.32 17.16 2.90
N TYR A 26 -5.77 16.11 3.51
CA TYR A 26 -4.62 16.27 4.40
C TYR A 26 -3.32 16.19 3.62
N GLU A 27 -2.75 17.35 3.31
CA GLU A 27 -1.50 17.42 2.56
C GLU A 27 -0.41 16.60 3.26
N TRP A 28 -0.29 15.34 2.88
CA TRP A 28 0.73 14.47 3.46
C TRP A 28 2.12 14.85 2.96
N ASP A 29 3.02 15.12 3.90
CA ASP A 29 4.38 15.51 3.57
C ASP A 29 5.24 14.27 3.29
N ALA A 30 4.84 13.48 2.31
CA ALA A 30 5.58 12.27 1.95
C ALA A 30 6.91 12.63 1.31
N GLY A 31 6.86 13.42 0.24
CA GLY A 31 8.06 13.82 -0.46
C GLY A 31 8.70 15.05 0.14
N ASP A 32 9.25 14.90 1.34
CA ASP A 32 9.89 16.02 2.03
C ASP A 32 10.89 16.72 1.11
N ASP A 33 11.48 15.97 0.19
CA ASP A 33 12.46 16.52 -0.74
C ASP A 33 11.76 17.23 -1.90
N VAL A 34 11.18 18.39 -1.62
CA VAL A 34 10.48 19.17 -2.64
C VAL A 34 11.45 20.07 -3.39
N GLU A 35 12.47 19.47 -4.00
CA GLU A 35 13.47 20.22 -4.74
C GLU A 35 13.36 19.93 -6.24
N GLU A 36 12.14 19.71 -6.72
CA GLU A 36 11.89 19.44 -8.14
C GLU A 36 12.87 18.38 -8.65
N ASN A 37 12.53 17.11 -8.44
CA ASN A 37 13.37 16.01 -8.89
C ASN A 37 12.81 15.39 -10.17
N ARG A 38 13.28 15.90 -11.31
CA ARG A 38 12.82 15.39 -12.61
C ARG A 38 13.92 14.59 -13.29
N THR A 39 14.40 13.55 -12.61
CA THR A 39 15.46 12.69 -13.15
C THR A 39 15.12 12.24 -14.56
N GLU A 40 14.26 11.25 -14.66
CA GLU A 40 13.85 10.72 -15.96
C GLU A 40 12.40 11.08 -16.27
N ALA A 41 11.97 12.24 -15.78
CA ALA A 41 10.60 12.71 -16.01
C ALA A 41 9.60 11.84 -15.26
N PRO A 42 8.45 12.42 -14.87
CA PRO A 42 7.40 11.70 -14.14
C PRO A 42 6.66 10.70 -15.02
N GLU A 43 6.66 10.96 -16.33
CA GLU A 43 5.99 10.08 -17.28
C GLU A 43 6.36 8.62 -17.03
N GLY A 44 5.37 7.81 -16.67
CA GLY A 44 5.60 6.41 -16.40
C GLY A 44 4.39 5.56 -16.73
N THR A 45 3.87 5.71 -17.94
CA THR A 45 2.71 4.94 -18.38
C THR A 45 2.88 3.47 -18.06
N GLU A 46 4.12 3.00 -18.04
CA GLU A 46 4.42 1.61 -17.75
C GLU A 46 3.77 1.17 -16.43
N SER A 47 4.34 1.65 -15.32
CA SER A 47 3.83 1.31 -14.00
C SER A 47 2.52 2.04 -13.68
N GLU A 48 2.08 2.94 -14.58
CA GLU A 48 0.85 3.68 -14.36
C GLU A 48 -0.36 2.76 -14.43
N VAL A 49 -0.39 1.91 -15.44
CA VAL A 49 -1.50 0.98 -15.61
C VAL A 49 -1.68 0.10 -14.38
N VAL A 50 -0.57 -0.19 -13.69
CA VAL A 50 -0.62 -1.03 -12.49
C VAL A 50 -1.10 -0.23 -11.29
N HIS A 51 -0.70 1.04 -11.23
CA HIS A 51 -1.10 1.90 -10.12
C HIS A 51 -2.61 2.02 -10.04
N LEU A 52 -3.23 2.32 -11.17
CA LEU A 52 -4.69 2.45 -11.22
C LEU A 52 -5.37 1.16 -10.79
N THR A 53 -4.81 0.03 -11.20
CA THR A 53 -5.37 -1.27 -10.86
C THR A 53 -5.27 -1.54 -9.35
N LEU A 54 -4.07 -1.37 -8.79
CA LEU A 54 -3.85 -1.61 -7.38
C LEU A 54 -4.66 -0.64 -6.52
N ARG A 55 -4.57 0.65 -6.84
CA ARG A 55 -5.30 1.66 -6.08
C ARG A 55 -6.81 1.48 -6.20
N GLN A 56 -7.28 1.22 -7.42
CA GLN A 56 -8.71 1.03 -7.65
C GLN A 56 -9.19 -0.31 -7.11
N ALA A 57 -8.45 -1.38 -7.40
CA ALA A 57 -8.82 -2.71 -6.93
C ALA A 57 -8.78 -2.76 -5.41
N GLY A 58 -7.68 -2.30 -4.83
CA GLY A 58 -7.53 -2.31 -3.39
C GLY A 58 -8.73 -1.72 -2.68
N ASP A 59 -9.08 -0.49 -3.05
CA ASP A 59 -10.23 0.19 -2.45
C ASP A 59 -11.52 -0.57 -2.73
N ASP A 60 -11.58 -1.21 -3.89
CA ASP A 60 -12.76 -1.99 -4.28
C ASP A 60 -12.98 -3.14 -3.32
N PHE A 61 -11.91 -3.86 -3.00
CA PHE A 61 -11.97 -5.00 -2.09
C PHE A 61 -12.49 -4.58 -0.71
N SER A 62 -11.85 -3.57 -0.14
CA SER A 62 -12.20 -3.07 1.18
C SER A 62 -13.67 -2.66 1.23
N ARG A 63 -14.16 -2.13 0.11
CA ARG A 63 -15.55 -1.69 0.02
C ARG A 63 -16.50 -2.88 0.16
N ARG A 64 -16.05 -4.04 -0.30
CA ARG A 64 -16.85 -5.26 -0.25
C ARG A 64 -16.87 -5.88 1.14
N TYR A 65 -15.97 -5.43 2.01
CA TYR A 65 -15.84 -5.98 3.35
C TYR A 65 -16.05 -4.90 4.40
N ARG A 66 -17.32 -4.75 4.80
CA ARG A 66 -17.73 -3.74 5.78
C ARG A 66 -17.19 -4.03 7.18
N ARG A 67 -17.31 -5.27 7.63
CA ARG A 67 -16.86 -5.63 8.97
C ARG A 67 -15.75 -6.68 8.95
N ASP A 68 -14.51 -6.23 9.13
CA ASP A 68 -13.37 -7.13 9.17
C ASP A 68 -12.09 -6.38 9.51
N PHE A 69 -11.60 -5.56 8.59
CA PHE A 69 -10.38 -4.81 8.83
C PHE A 69 -10.61 -3.63 9.78
N ALA A 70 -11.71 -2.93 9.59
CA ALA A 70 -12.04 -1.77 10.42
C ALA A 70 -12.41 -2.19 11.84
N GLU A 71 -13.30 -3.18 11.94
CA GLU A 71 -13.74 -3.68 13.25
C GLU A 71 -12.55 -4.06 14.12
N MET A 72 -11.56 -4.70 13.51
CA MET A 72 -10.35 -5.13 14.23
C MET A 72 -9.49 -3.93 14.63
N SER A 73 -9.58 -2.85 13.86
CA SER A 73 -8.80 -1.64 14.14
C SER A 73 -8.96 -1.20 15.59
N SER A 74 -10.15 -1.39 16.14
CA SER A 74 -10.42 -1.00 17.53
C SER A 74 -9.40 -1.62 18.47
N GLN A 75 -8.95 -2.82 18.14
CA GLN A 75 -7.97 -3.53 18.96
C GLN A 75 -6.58 -2.93 18.82
N LEU A 76 -6.27 -2.42 17.64
CA LEU A 76 -4.96 -1.83 17.36
C LEU A 76 -4.61 -0.76 18.39
N HIS A 77 -5.61 -0.04 18.89
CA HIS A 77 -5.37 1.01 19.87
C HIS A 77 -4.43 2.08 19.29
N LEU A 78 -4.25 3.18 20.02
CA LEU A 78 -3.38 4.26 19.56
C LEU A 78 -2.16 4.40 20.47
N THR A 79 -0.98 4.41 19.86
CA THR A 79 0.28 4.54 20.59
C THR A 79 1.45 4.45 19.62
N PRO A 80 2.45 5.34 19.74
CA PRO A 80 3.62 5.34 18.84
C PRO A 80 4.59 4.20 19.11
N PHE A 81 4.59 3.69 20.34
CA PHE A 81 5.49 2.60 20.72
C PHE A 81 4.97 1.25 20.23
N THR A 82 3.75 0.92 20.61
CA THR A 82 3.13 -0.36 20.25
C THR A 82 2.66 -0.38 18.80
N ALA A 83 2.37 0.79 18.24
CA ALA A 83 1.89 0.88 16.85
C ALA A 83 2.73 0.04 15.90
N ARG A 84 4.05 0.21 15.96
CA ARG A 84 4.95 -0.54 15.10
C ARG A 84 4.83 -2.04 15.33
N GLY A 85 4.86 -2.44 16.60
CA GLY A 85 4.76 -3.85 16.95
C GLY A 85 3.39 -4.41 16.63
N ARG A 86 2.34 -3.59 16.74
CA ARG A 86 0.99 -4.05 16.47
C ARG A 86 0.71 -4.20 14.98
N PHE A 87 1.45 -3.47 14.15
CA PHE A 87 1.26 -3.55 12.70
C PHE A 87 1.65 -4.93 12.18
N ALA A 88 2.85 -5.37 12.50
CA ALA A 88 3.34 -6.66 12.04
C ALA A 88 2.34 -7.77 12.35
N THR A 89 1.89 -7.83 13.59
CA THR A 89 0.94 -8.85 14.02
C THR A 89 -0.30 -8.89 13.12
N VAL A 90 -0.68 -7.76 12.55
CA VAL A 90 -1.85 -7.72 11.69
C VAL A 90 -1.57 -8.27 10.30
N VAL A 91 -0.42 -7.91 9.73
CA VAL A 91 -0.05 -8.39 8.40
C VAL A 91 0.37 -9.86 8.47
N GLU A 92 0.97 -10.24 9.60
CA GLU A 92 1.41 -11.61 9.81
C GLU A 92 0.25 -12.59 9.70
N GLU A 93 -0.91 -12.19 10.20
CA GLU A 93 -2.09 -13.04 10.16
C GLU A 93 -2.70 -13.05 8.75
N LEU A 94 -2.50 -11.97 8.00
CA LEU A 94 -3.04 -11.88 6.65
C LEU A 94 -2.44 -12.98 5.77
N PHE A 95 -1.13 -13.14 5.85
CA PHE A 95 -0.41 -14.18 5.12
C PHE A 95 0.13 -15.16 6.15
N ARG A 96 -0.69 -16.13 6.53
CA ARG A 96 -0.28 -17.11 7.54
C ARG A 96 0.14 -18.42 6.89
N ASP A 97 -0.54 -18.76 5.79
CA ASP A 97 -0.23 -19.99 5.06
C ASP A 97 0.50 -19.68 3.75
N GLY A 98 -0.18 -18.94 2.88
CA GLY A 98 0.41 -18.56 1.61
C GLY A 98 -0.11 -17.23 1.12
N VAL A 99 0.62 -16.60 0.21
CA VAL A 99 0.22 -15.30 -0.30
C VAL A 99 -0.55 -15.39 -1.61
N ASN A 100 -1.24 -14.31 -1.96
CA ASN A 100 -2.03 -14.25 -3.19
C ASN A 100 -2.47 -12.82 -3.48
N TRP A 101 -2.89 -12.57 -4.71
CA TRP A 101 -3.34 -11.24 -5.12
C TRP A 101 -4.38 -10.72 -4.14
N GLY A 102 -5.35 -11.57 -3.80
CA GLY A 102 -6.40 -11.19 -2.88
C GLY A 102 -5.88 -10.85 -1.50
N ARG A 103 -4.82 -11.53 -1.08
CA ARG A 103 -4.22 -11.27 0.22
C ARG A 103 -3.38 -10.00 0.20
N ILE A 104 -2.57 -9.85 -0.85
CA ILE A 104 -1.74 -8.67 -1.00
C ILE A 104 -2.63 -7.43 -0.88
N VAL A 105 -3.66 -7.37 -1.70
CA VAL A 105 -4.60 -6.25 -1.68
C VAL A 105 -5.13 -5.99 -0.29
N ALA A 106 -5.49 -7.05 0.42
CA ALA A 106 -6.02 -6.92 1.77
C ALA A 106 -5.06 -6.17 2.68
N PHE A 107 -3.81 -6.62 2.73
CA PHE A 107 -2.81 -5.99 3.57
C PHE A 107 -2.63 -4.53 3.17
N PHE A 108 -2.57 -4.29 1.87
CA PHE A 108 -2.41 -2.93 1.35
C PHE A 108 -3.45 -2.00 1.96
N GLU A 109 -4.71 -2.43 1.92
CA GLU A 109 -5.80 -1.64 2.47
C GLU A 109 -5.63 -1.46 3.98
N PHE A 110 -5.19 -2.51 4.65
CA PHE A 110 -4.98 -2.48 6.09
C PHE A 110 -4.00 -1.36 6.47
N GLY A 111 -2.87 -1.32 5.78
CA GLY A 111 -1.87 -0.31 6.06
C GLY A 111 -2.46 1.09 6.02
N GLY A 112 -3.26 1.37 4.99
CA GLY A 112 -3.87 2.67 4.86
C GLY A 112 -4.76 3.00 6.03
N VAL A 113 -5.56 2.03 6.46
CA VAL A 113 -6.47 2.23 7.58
C VAL A 113 -5.69 2.64 8.84
N MET A 114 -4.51 2.06 9.00
CA MET A 114 -3.67 2.36 10.15
C MET A 114 -2.99 3.73 10.01
N CYS A 115 -2.42 3.97 8.84
CA CYS A 115 -1.74 5.23 8.58
C CYS A 115 -2.68 6.40 8.86
N VAL A 116 -3.95 6.23 8.53
CA VAL A 116 -4.96 7.26 8.75
C VAL A 116 -5.36 7.33 10.22
N GLU A 117 -5.37 6.17 10.89
CA GLU A 117 -5.73 6.12 12.30
C GLU A 117 -4.96 7.16 13.10
N SER A 118 -3.66 7.22 12.87
CA SER A 118 -2.80 8.17 13.57
C SER A 118 -3.29 9.60 13.33
N VAL A 119 -3.68 9.90 12.09
CA VAL A 119 -4.16 11.23 11.75
C VAL A 119 -5.46 11.55 12.49
N ASN A 120 -6.25 10.53 12.77
CA ASN A 120 -7.52 10.70 13.47
C ASN A 120 -7.32 11.48 14.77
N ARG A 121 -6.30 11.10 15.54
CA ARG A 121 -6.00 11.77 16.79
C ARG A 121 -5.08 12.95 16.57
N GLU A 122 -3.80 12.67 16.32
CA GLU A 122 -2.81 13.71 16.09
C GLU A 122 -1.44 13.10 15.79
N MET A 123 -1.36 12.33 14.71
CA MET A 123 -0.12 11.70 14.32
C MET A 123 -0.02 11.52 12.81
N SER A 124 -0.39 12.56 12.07
CA SER A 124 -0.34 12.51 10.62
C SER A 124 1.02 12.01 10.13
N PRO A 125 2.12 12.59 10.65
CA PRO A 125 3.48 12.19 10.28
C PRO A 125 3.67 10.68 10.31
N LEU A 126 2.97 10.02 11.23
CA LEU A 126 3.06 8.57 11.37
C LEU A 126 2.76 7.86 10.06
N VAL A 127 1.96 8.49 9.20
CA VAL A 127 1.60 7.91 7.92
C VAL A 127 2.85 7.50 7.14
N ASP A 128 3.93 8.26 7.34
CA ASP A 128 5.19 7.96 6.65
C ASP A 128 5.80 6.67 7.17
N ASN A 129 5.84 6.55 8.51
CA ASN A 129 6.40 5.37 9.14
C ASN A 129 5.65 4.12 8.72
N ILE A 130 4.34 4.24 8.56
CA ILE A 130 3.50 3.12 8.14
C ILE A 130 3.90 2.62 6.77
N ALA A 131 3.93 3.53 5.80
CA ALA A 131 4.31 3.17 4.43
C ALA A 131 5.68 2.50 4.41
N LEU A 132 6.54 2.87 5.36
CA LEU A 132 7.87 2.29 5.44
C LEU A 132 7.81 0.82 5.81
N TRP A 133 7.08 0.52 6.88
CA TRP A 133 6.93 -0.86 7.35
C TRP A 133 6.21 -1.71 6.32
N MET A 134 5.22 -1.13 5.65
CA MET A 134 4.45 -1.84 4.63
C MET A 134 5.35 -2.28 3.48
N THR A 135 6.31 -1.43 3.13
CA THR A 135 7.24 -1.72 2.05
C THR A 135 8.26 -2.77 2.47
N GLU A 136 8.60 -2.79 3.76
CA GLU A 136 9.56 -3.77 4.26
C GLU A 136 8.96 -5.16 4.23
N TYR A 137 7.78 -5.32 4.83
CA TYR A 137 7.10 -6.61 4.86
C TYR A 137 6.61 -7.00 3.48
N LEU A 138 5.98 -6.07 2.77
CA LEU A 138 5.48 -6.34 1.44
C LEU A 138 6.59 -6.97 0.59
N ASN A 139 7.73 -6.31 0.54
CA ASN A 139 8.85 -6.83 -0.23
C ASN A 139 9.52 -8.02 0.45
N ARG A 140 9.49 -8.05 1.79
CA ARG A 140 10.12 -9.15 2.51
C ARG A 140 9.40 -10.47 2.22
N HIS A 141 8.12 -10.41 1.84
CA HIS A 141 7.36 -11.63 1.56
C HIS A 141 6.67 -11.60 0.20
N LEU A 142 5.87 -10.57 -0.07
CA LEU A 142 5.15 -10.50 -1.33
C LEU A 142 6.06 -10.41 -2.54
N HIS A 143 6.98 -9.44 -2.54
CA HIS A 143 7.90 -9.25 -3.67
C HIS A 143 8.43 -10.58 -4.19
N THR A 144 8.72 -11.50 -3.27
CA THR A 144 9.22 -12.81 -3.64
C THR A 144 8.15 -13.62 -4.36
N TRP A 145 6.94 -13.58 -3.81
CA TRP A 145 5.81 -14.30 -4.40
C TRP A 145 5.38 -13.65 -5.72
N ILE A 146 5.43 -12.32 -5.76
CA ILE A 146 5.04 -11.59 -6.96
C ILE A 146 6.09 -11.70 -8.07
N GLN A 147 7.34 -11.43 -7.73
CA GLN A 147 8.43 -11.52 -8.69
C GLN A 147 8.58 -12.95 -9.20
N ASP A 148 8.60 -13.90 -8.26
CA ASP A 148 8.74 -15.31 -8.60
C ASP A 148 7.61 -15.77 -9.52
N ASN A 149 6.45 -15.15 -9.38
CA ASN A 149 5.29 -15.50 -10.19
C ASN A 149 4.95 -14.37 -11.16
N GLY A 150 5.94 -13.92 -11.92
CA GLY A 150 5.71 -12.85 -12.87
C GLY A 150 6.19 -11.51 -12.37
N GLY A 151 5.31 -10.79 -11.68
CA GLY A 151 5.67 -9.49 -11.16
C GLY A 151 4.45 -8.58 -11.00
N TRP A 152 4.70 -7.28 -10.88
CA TRP A 152 3.63 -6.31 -10.72
C TRP A 152 2.66 -6.37 -11.91
N ASP A 153 3.22 -6.58 -13.10
CA ASP A 153 2.43 -6.64 -14.32
C ASP A 153 1.56 -7.90 -14.36
N ALA A 154 1.99 -8.94 -13.65
CA ALA A 154 1.24 -10.19 -13.63
C ALA A 154 -0.19 -9.95 -13.13
N PHE A 155 -0.32 -9.15 -12.09
CA PHE A 155 -1.62 -8.84 -11.50
C PHE A 155 -2.46 -7.96 -12.43
N VAL A 156 -1.83 -6.97 -13.04
CA VAL A 156 -2.55 -6.08 -13.94
C VAL A 156 -3.11 -6.84 -15.13
N GLU A 157 -2.39 -7.87 -15.56
CA GLU A 157 -2.83 -8.70 -16.68
C GLU A 157 -4.07 -9.50 -16.28
N LEU A 158 -4.05 -10.01 -15.05
CA LEU A 158 -5.17 -10.79 -14.53
C LEU A 158 -6.37 -9.89 -14.30
N TYR A 159 -6.14 -8.71 -13.71
CA TYR A 159 -7.22 -7.77 -13.45
C TYR A 159 -7.13 -6.59 -14.40
N GLY A 160 -7.08 -6.94 -15.71
CA GLY A 160 -7.04 -5.95 -16.78
C GLY A 160 -8.39 -5.27 -16.93
N PRO A 161 -8.52 -3.98 -16.57
CA PRO A 161 -9.80 -3.27 -16.66
C PRO A 161 -10.54 -3.54 -17.97
N SER A 162 -11.84 -3.31 -17.96
CA SER A 162 -12.66 -3.53 -19.15
C SER A 162 -11.99 -2.90 -20.38
N MET A 163 -11.31 -3.75 -21.15
CA MET A 163 -10.61 -3.31 -22.35
C MET A 163 -9.22 -2.75 -22.04
N ARG A 164 -9.17 -1.51 -21.57
CA ARG A 164 -7.89 -0.89 -21.27
C ARG A 164 -7.09 -1.75 -20.30
#